data_2QI2
#
_entry.id   2QI2
#
_cell.length_a   98.064
_cell.length_b   98.064
_cell.length_c   150.096
_cell.angle_alpha   90.00
_cell.angle_beta   90.00
_cell.angle_gamma   90.00
#
_symmetry.space_group_name_H-M   'P 43 21 2'
#
loop_
_entity.id
_entity.type
_entity.pdbx_description
1 polymer 'Cell division protein pelota related protein'
2 water water
#
_entity_poly.entity_id   1
_entity_poly.type   'polypeptide(L)'
_entity_poly.pdbx_seq_one_letter_code
;MRILEEDLKNSTYRIRIESLDDLWYLRNILSEGDEVSAITFRRVEESADVQRSRERERIPITIRLKVEKIEFQDFDNRLR
ILGTVIEGPEDTKGKHQSITVTVDSEISITKEWDDQHIDLLKEATDEKYVTVYTAVAMDEDEAQIFLIHPYGIQQVGTVY
SGRSGKYAEGNYSEASYFDQIVNALKNYSNSIIILGPGFARDRFARYCAQRGVNVIGSFPANRTDSGAVYEFITSADGAK
LLSNERIARDKEIVDEFLVAVKKDMGVYGRDQTESALQMGALSDLIITDEMFRTEDGRRSLSIAQTVGTRIHIVSVSNDP
GQIVKKFGGFAGILRYRVQLEHHHHHH
;
_entity_poly.pdbx_strand_id   A
#
# COMPACT_ATOMS: atom_id res chain seq x y z
N MET A 1 -12.86 -0.70 5.49
CA MET A 1 -13.98 -1.13 4.61
C MET A 1 -14.97 -1.99 5.40
N ARG A 2 -16.23 -1.91 5.01
CA ARG A 2 -17.27 -2.64 5.69
C ARG A 2 -18.07 -3.41 4.62
N ILE A 3 -18.44 -4.66 4.90
CA ILE A 3 -19.24 -5.40 3.93
C ILE A 3 -20.68 -5.44 4.40
N LEU A 4 -21.57 -4.81 3.63
CA LEU A 4 -22.98 -4.68 3.98
C LEU A 4 -23.85 -5.89 3.69
N GLU A 5 -23.64 -6.51 2.53
CA GLU A 5 -24.42 -7.69 2.14
C GLU A 5 -23.78 -8.28 0.92
N GLU A 6 -24.17 -9.50 0.60
CA GLU A 6 -23.64 -10.11 -0.61
C GLU A 6 -24.69 -10.96 -1.26
N ASP A 7 -24.43 -11.32 -2.51
CA ASP A 7 -25.32 -12.16 -3.29
C ASP A 7 -24.45 -13.21 -3.93
N LEU A 8 -24.27 -14.33 -3.22
CA LEU A 8 -23.44 -15.43 -3.72
C LEU A 8 -23.82 -15.83 -5.14
N LYS A 9 -25.12 -16.01 -5.38
CA LYS A 9 -25.57 -16.40 -6.70
C LYS A 9 -25.05 -15.50 -7.82
N ASN A 10 -25.11 -14.18 -7.65
CA ASN A 10 -24.65 -13.26 -8.68
C ASN A 10 -23.26 -12.69 -8.44
N SER A 11 -22.46 -13.38 -7.63
CA SER A 11 -21.10 -12.94 -7.32
C SER A 11 -21.00 -11.44 -7.01
N THR A 12 -21.74 -10.99 -6.00
CA THR A 12 -21.74 -9.59 -5.63
C THR A 12 -21.51 -9.34 -4.15
N TYR A 13 -20.83 -8.25 -3.84
CA TYR A 13 -20.60 -7.85 -2.45
C TYR A 13 -20.94 -6.38 -2.41
N ARG A 14 -21.58 -5.94 -1.33
CA ARG A 14 -21.88 -4.52 -1.19
C ARG A 14 -20.93 -4.06 -0.10
N ILE A 15 -20.11 -3.07 -0.42
CA ILE A 15 -19.12 -2.56 0.52
C ILE A 15 -19.31 -1.09 0.79
N ARG A 16 -18.97 -0.66 2.00
CA ARG A 16 -19.08 0.74 2.39
C ARG A 16 -17.68 1.30 2.65
N ILE A 17 -17.34 2.40 1.99
CA ILE A 17 -16.03 3.00 2.16
C ILE A 17 -16.04 3.78 3.47
N GLU A 18 -15.08 3.47 4.34
CA GLU A 18 -14.98 4.12 5.64
C GLU A 18 -13.82 5.08 5.73
N SER A 19 -12.73 4.76 5.05
CA SER A 19 -11.54 5.57 5.11
C SER A 19 -11.02 5.93 3.73
N LEU A 20 -10.02 6.80 3.69
CA LEU A 20 -9.43 7.17 2.42
C LEU A 20 -8.75 5.95 1.83
N ASP A 21 -7.95 5.24 2.64
CA ASP A 21 -7.26 4.05 2.16
C ASP A 21 -8.20 3.05 1.51
N ASP A 22 -9.45 3.02 1.97
CA ASP A 22 -10.44 2.12 1.39
C ASP A 22 -10.57 2.34 -0.11
N LEU A 23 -10.30 3.56 -0.57
CA LEU A 23 -10.38 3.88 -1.99
C LEU A 23 -9.26 3.16 -2.73
N TRP A 24 -8.09 3.13 -2.12
CA TRP A 24 -6.93 2.45 -2.72
C TRP A 24 -7.31 0.99 -2.93
N TYR A 25 -7.89 0.39 -1.92
CA TYR A 25 -8.31 -1.00 -1.99
C TYR A 25 -9.38 -1.17 -3.07
N LEU A 26 -10.38 -0.29 -3.06
CA LEU A 26 -11.43 -0.35 -4.05
C LEU A 26 -10.77 -0.39 -5.42
N ARG A 27 -9.88 0.58 -5.63
CA ARG A 27 -9.18 0.71 -6.90
C ARG A 27 -8.53 -0.59 -7.36
N ASN A 28 -7.96 -1.34 -6.42
CA ASN A 28 -7.30 -2.61 -6.78
C ASN A 28 -8.30 -3.72 -6.99
N ILE A 29 -9.47 -3.58 -6.38
CA ILE A 29 -10.52 -4.57 -6.48
C ILE A 29 -11.25 -4.50 -7.80
N LEU A 30 -11.46 -3.28 -8.30
CA LEU A 30 -12.17 -3.09 -9.57
C LEU A 30 -11.30 -3.33 -10.79
N SER A 31 -11.89 -3.88 -11.85
CA SER A 31 -11.15 -4.12 -13.10
C SER A 31 -11.91 -3.84 -14.37
N GLU A 32 -11.21 -4.07 -15.48
CA GLU A 32 -11.70 -3.87 -16.85
C GLU A 32 -13.20 -3.71 -16.98
N GLY A 33 -13.91 -4.82 -17.07
CA GLY A 33 -15.35 -4.75 -17.23
C GLY A 33 -16.14 -5.41 -16.13
N ASP A 34 -16.16 -4.77 -14.97
CA ASP A 34 -16.90 -5.29 -13.84
C ASP A 34 -18.23 -4.56 -13.86
N GLU A 35 -19.17 -5.01 -13.05
CA GLU A 35 -20.47 -4.36 -12.96
C GLU A 35 -20.57 -3.77 -11.58
N VAL A 36 -20.70 -2.44 -11.53
CA VAL A 36 -20.83 -1.75 -10.26
C VAL A 36 -22.22 -1.14 -10.15
N SER A 37 -22.75 -1.05 -8.94
CA SER A 37 -24.08 -0.46 -8.75
C SER A 37 -24.08 0.54 -7.61
N ALA A 38 -24.73 1.68 -7.81
CA ALA A 38 -24.79 2.70 -6.76
C ALA A 38 -26.11 3.47 -6.77
N ILE A 39 -26.42 4.09 -5.64
CA ILE A 39 -27.65 4.89 -5.50
C ILE A 39 -27.31 6.37 -5.58
N THR A 40 -27.85 7.05 -6.58
CA THR A 40 -27.63 8.49 -6.75
C THR A 40 -28.93 9.23 -6.44
N PHE A 41 -28.88 10.55 -6.39
CA PHE A 41 -30.07 11.34 -6.10
C PHE A 41 -30.40 12.38 -7.17
N GLU A 55 -34.44 11.80 -3.69
CA GLU A 55 -35.41 10.86 -4.23
C GLU A 55 -34.77 9.66 -4.97
N ARG A 56 -33.79 9.08 -4.30
CA ARG A 56 -32.98 7.90 -4.68
C ARG A 56 -33.21 7.13 -5.97
N GLU A 57 -32.11 6.89 -6.69
CA GLU A 57 -32.16 6.14 -7.94
C GLU A 57 -30.89 5.29 -8.08
N ARG A 58 -31.03 4.09 -8.60
CA ARG A 58 -29.87 3.22 -8.75
C ARG A 58 -29.18 3.39 -10.09
N ILE A 59 -27.91 3.03 -10.14
CA ILE A 59 -27.14 3.14 -11.39
C ILE A 59 -26.11 2.02 -11.55
N PRO A 60 -26.47 0.96 -12.28
CA PRO A 60 -25.58 -0.18 -12.52
C PRO A 60 -24.70 0.15 -13.71
N ILE A 61 -23.45 -0.25 -13.64
CA ILE A 61 -22.51 0.10 -14.68
C ILE A 61 -21.44 -0.91 -15.10
N THR A 62 -21.09 -0.87 -16.38
CA THR A 62 -20.02 -1.72 -16.88
C THR A 62 -18.82 -0.79 -16.88
N ILE A 63 -17.94 -0.99 -15.92
CA ILE A 63 -16.75 -0.17 -15.78
C ILE A 63 -15.88 -0.21 -17.03
N ARG A 64 -15.34 0.95 -17.41
CA ARG A 64 -14.44 0.99 -18.56
C ARG A 64 -13.14 1.67 -18.15
N LEU A 65 -13.22 2.59 -17.19
CA LEU A 65 -12.03 3.27 -16.70
C LEU A 65 -12.21 3.78 -15.26
N LYS A 66 -11.16 3.70 -14.46
CA LYS A 66 -11.22 4.20 -13.09
C LYS A 66 -10.24 5.36 -12.96
N VAL A 67 -10.65 6.41 -12.28
CA VAL A 67 -9.79 7.57 -12.08
C VAL A 67 -9.40 7.63 -10.60
N GLU A 68 -8.13 7.37 -10.30
CA GLU A 68 -7.67 7.41 -8.92
C GLU A 68 -6.16 7.48 -8.85
N LYS A 69 -5.66 8.36 -7.98
CA LYS A 69 -4.23 8.54 -7.80
C LYS A 69 -3.92 8.17 -6.35
N ILE A 70 -2.87 7.37 -6.14
CA ILE A 70 -2.53 6.97 -4.77
C ILE A 70 -2.66 8.19 -3.83
N GLU A 71 -3.35 7.99 -2.72
CA GLU A 71 -3.57 9.03 -1.70
C GLU A 71 -4.71 10.02 -1.96
N PHE A 72 -5.46 9.83 -3.04
CA PHE A 72 -6.58 10.70 -3.35
C PHE A 72 -7.70 10.53 -2.32
N GLN A 73 -8.74 11.34 -2.47
CA GLN A 73 -9.88 11.30 -1.56
C GLN A 73 -11.16 11.00 -2.32
N ASP A 74 -11.03 10.82 -3.63
CA ASP A 74 -12.17 10.55 -4.47
C ASP A 74 -11.75 9.51 -5.47
N PHE A 75 -12.73 8.73 -5.92
CA PHE A 75 -12.48 7.68 -6.88
C PHE A 75 -13.60 7.78 -7.93
N ASP A 76 -13.22 7.81 -9.21
CA ASP A 76 -14.19 7.94 -10.29
C ASP A 76 -14.31 6.72 -11.18
N ASN A 77 -15.53 6.20 -11.30
CA ASN A 77 -15.79 5.06 -12.17
C ASN A 77 -16.39 5.61 -13.44
N ARG A 78 -15.66 5.48 -14.55
CA ARG A 78 -16.17 5.93 -15.83
C ARG A 78 -16.96 4.75 -16.34
N LEU A 79 -17.98 4.98 -17.18
CA LEU A 79 -18.80 3.85 -17.56
C LEU A 79 -19.87 3.93 -18.65
N ARG A 80 -20.67 2.86 -18.69
CA ARG A 80 -21.79 2.69 -19.63
C ARG A 80 -22.96 2.12 -18.82
N ILE A 81 -23.98 2.94 -18.57
CA ILE A 81 -25.13 2.50 -17.80
C ILE A 81 -25.79 1.24 -18.35
N LEU A 82 -26.27 0.39 -17.44
CA LEU A 82 -26.94 -0.85 -17.82
C LEU A 82 -28.31 -0.91 -17.16
N GLY A 83 -28.43 -0.26 -16.01
CA GLY A 83 -29.68 -0.26 -15.28
C GLY A 83 -30.51 0.97 -15.62
N LYS A 93 -29.75 5.22 -20.23
CA LYS A 93 -29.36 3.83 -20.50
C LYS A 93 -28.63 3.65 -21.84
N GLY A 94 -27.44 3.05 -21.78
CA GLY A 94 -26.66 2.82 -22.98
C GLY A 94 -25.47 3.74 -23.14
N LYS A 95 -25.62 5.00 -22.73
CA LYS A 95 -24.56 6.00 -22.85
C LYS A 95 -23.59 6.01 -21.66
N HIS A 96 -22.48 6.72 -21.83
CA HIS A 96 -21.47 6.81 -20.79
C HIS A 96 -21.96 7.68 -19.63
N GLN A 97 -21.49 7.33 -18.43
CA GLN A 97 -21.85 8.03 -17.21
C GLN A 97 -20.68 7.88 -16.22
N SER A 98 -20.93 8.13 -14.94
CA SER A 98 -19.86 8.01 -13.96
C SER A 98 -20.31 8.01 -12.51
N ILE A 99 -19.65 7.19 -11.70
CA ILE A 99 -19.93 7.11 -10.27
C ILE A 99 -18.72 7.68 -9.55
N THR A 100 -18.95 8.49 -8.53
CA THR A 100 -17.87 9.08 -7.76
C THR A 100 -17.88 8.54 -6.36
N VAL A 101 -16.90 7.69 -6.05
CA VAL A 101 -16.80 7.09 -4.74
C VAL A 101 -15.98 7.90 -3.78
N THR A 102 -16.49 8.05 -2.56
CA THR A 102 -15.80 8.79 -1.51
C THR A 102 -16.15 8.16 -0.16
N VAL A 103 -15.49 8.62 0.89
CA VAL A 103 -15.80 8.08 2.20
C VAL A 103 -17.30 8.15 2.39
N ASP A 104 -17.86 7.10 2.97
CA ASP A 104 -19.28 6.97 3.24
C ASP A 104 -20.10 6.47 2.07
N SER A 105 -19.47 6.35 0.90
CA SER A 105 -20.15 5.84 -0.28
C SER A 105 -20.42 4.36 -0.08
N GLU A 106 -21.40 3.84 -0.83
CA GLU A 106 -21.76 2.43 -0.78
C GLU A 106 -21.74 1.91 -2.21
N ILE A 107 -21.24 0.70 -2.40
CA ILE A 107 -21.13 0.16 -3.74
C ILE A 107 -21.35 -1.34 -3.84
N SER A 108 -22.02 -1.74 -4.92
CA SER A 108 -22.24 -3.15 -5.17
C SER A 108 -21.29 -3.49 -6.29
N ILE A 109 -20.50 -4.54 -6.12
CA ILE A 109 -19.57 -4.95 -7.15
C ILE A 109 -19.86 -6.37 -7.58
N THR A 110 -19.98 -6.55 -8.89
CA THR A 110 -20.25 -7.87 -9.45
C THR A 110 -19.09 -8.22 -10.37
N LYS A 111 -18.60 -9.45 -10.24
CA LYS A 111 -17.48 -9.91 -11.04
C LYS A 111 -17.09 -11.31 -10.57
N GLU A 112 -16.05 -11.86 -11.19
CA GLU A 112 -15.55 -13.17 -10.80
C GLU A 112 -14.53 -12.88 -9.71
N TRP A 113 -14.74 -13.43 -8.52
CA TRP A 113 -13.82 -13.16 -7.44
C TRP A 113 -12.69 -14.19 -7.26
N ASP A 114 -11.55 -13.94 -7.90
CA ASP A 114 -10.43 -14.84 -7.73
C ASP A 114 -9.84 -14.61 -6.34
N ASP A 115 -8.92 -15.49 -5.95
CA ASP A 115 -8.26 -15.43 -4.66
C ASP A 115 -7.67 -14.06 -4.33
N GLN A 116 -6.91 -13.50 -5.26
CA GLN A 116 -6.30 -12.20 -5.06
C GLN A 116 -7.34 -11.15 -4.67
N HIS A 117 -8.43 -11.08 -5.42
CA HIS A 117 -9.48 -10.12 -5.11
C HIS A 117 -10.18 -10.39 -3.76
N ILE A 118 -10.46 -11.65 -3.47
CA ILE A 118 -11.11 -11.98 -2.20
C ILE A 118 -10.21 -11.57 -1.06
N ASP A 119 -8.89 -11.71 -1.26
CA ASP A 119 -7.92 -11.32 -0.25
C ASP A 119 -7.99 -9.82 -0.01
N LEU A 120 -8.01 -9.03 -1.09
CA LEU A 120 -8.10 -7.59 -0.93
C LEU A 120 -9.27 -7.26 -0.04
N LEU A 121 -10.38 -7.96 -0.22
CA LEU A 121 -11.56 -7.71 0.62
C LEU A 121 -11.32 -8.13 2.06
N LYS A 122 -10.77 -9.32 2.27
CA LYS A 122 -10.51 -9.74 3.63
C LYS A 122 -9.58 -8.75 4.32
N GLU A 123 -8.63 -8.20 3.57
CA GLU A 123 -7.67 -7.25 4.11
C GLU A 123 -8.25 -5.87 4.42
N ALA A 124 -8.99 -5.30 3.49
CA ALA A 124 -9.56 -3.97 3.69
C ALA A 124 -10.50 -3.90 4.89
N THR A 125 -11.15 -5.01 5.19
CA THR A 125 -12.10 -5.02 6.29
C THR A 125 -11.55 -5.47 7.63
N ASP A 126 -10.25 -5.78 7.68
CA ASP A 126 -9.63 -6.22 8.92
C ASP A 126 -8.77 -5.11 9.53
N GLU A 127 -9.20 -4.56 10.66
CA GLU A 127 -8.45 -3.47 11.31
C GLU A 127 -6.98 -3.84 11.53
N LYS A 128 -6.73 -5.07 11.98
CA LYS A 128 -5.36 -5.53 12.24
C LYS A 128 -4.41 -5.34 11.04
N TYR A 129 -4.96 -5.25 9.83
CA TYR A 129 -4.13 -5.12 8.64
C TYR A 129 -4.09 -3.74 7.98
N VAL A 130 -4.98 -2.84 8.37
CA VAL A 130 -5.05 -1.53 7.74
C VAL A 130 -4.66 -0.36 8.63
N THR A 131 -3.98 -0.65 9.74
CA THR A 131 -3.56 0.41 10.64
C THR A 131 -2.58 1.39 9.99
N VAL A 132 -2.77 2.68 10.26
CA VAL A 132 -1.88 3.69 9.72
C VAL A 132 -1.04 4.30 10.83
N TYR A 133 0.26 4.42 10.61
CA TYR A 133 1.11 5.02 11.64
C TYR A 133 1.72 6.31 11.16
N THR A 134 1.93 7.24 12.09
CA THR A 134 2.56 8.51 11.76
C THR A 134 4.03 8.34 12.16
N ALA A 135 4.93 8.50 11.19
CA ALA A 135 6.35 8.35 11.48
C ALA A 135 7.07 9.66 11.31
N VAL A 136 7.86 10.03 12.31
CA VAL A 136 8.64 11.25 12.23
C VAL A 136 10.11 10.88 12.30
N ALA A 137 10.82 11.08 11.20
CA ALA A 137 12.26 10.80 11.14
C ALA A 137 12.91 12.16 11.32
N MET A 138 13.63 12.37 12.48
CA MET A 138 14.20 13.68 12.80
C MET A 138 15.65 13.63 13.27
N ASP A 139 16.30 14.79 12.89
CA ASP A 139 17.68 15.16 13.19
C ASP A 139 17.63 16.21 14.28
N GLU A 140 18.76 16.89 14.47
CA GLU A 140 18.83 17.98 15.42
C GLU A 140 18.40 19.19 14.60
N ASP A 141 18.41 19.04 13.28
CA ASP A 141 18.04 20.17 12.44
C ASP A 141 16.95 19.94 11.38
N GLU A 142 16.31 18.78 11.41
CA GLU A 142 15.27 18.50 10.43
C GLU A 142 14.39 17.31 10.78
N ALA A 143 13.09 17.44 10.57
CA ALA A 143 12.17 16.37 10.85
C ALA A 143 11.15 16.17 9.74
N GLN A 144 11.12 14.97 9.17
CA GLN A 144 10.18 14.65 8.11
C GLN A 144 9.10 13.75 8.66
N ILE A 145 7.86 14.08 8.34
CA ILE A 145 6.71 13.30 8.81
C ILE A 145 6.14 12.46 7.68
N PHE A 146 5.91 11.19 7.95
CA PHE A 146 5.35 10.31 6.95
C PHE A 146 4.19 9.55 7.54
N LEU A 147 3.27 9.14 6.68
CA LEU A 147 2.17 8.31 7.12
C LEU A 147 2.50 6.93 6.55
N ILE A 148 2.55 5.91 7.40
CA ILE A 148 2.83 4.56 6.90
C ILE A 148 1.46 3.94 6.64
N HIS A 149 1.06 3.89 5.38
CA HIS A 149 -0.22 3.27 5.04
C HIS A 149 0.13 1.79 4.92
N PRO A 150 -0.87 0.91 5.02
CA PRO A 150 -0.56 -0.52 4.92
C PRO A 150 0.05 -0.96 3.57
N TYR A 151 0.06 -0.07 2.59
CA TYR A 151 0.57 -0.41 1.27
C TYR A 151 1.71 0.49 0.78
N GLY A 152 1.91 1.61 1.46
CA GLY A 152 2.96 2.51 1.04
C GLY A 152 3.18 3.70 1.95
N ILE A 153 4.29 4.41 1.72
CA ILE A 153 4.62 5.56 2.53
C ILE A 153 4.19 6.84 1.83
N GLN A 154 3.71 7.80 2.62
CA GLN A 154 3.27 9.07 2.07
C GLN A 154 3.89 10.22 2.83
N GLN A 155 4.84 10.90 2.20
CA GLN A 155 5.50 12.06 2.80
C GLN A 155 4.40 13.07 3.04
N VAL A 156 4.37 13.67 4.21
CA VAL A 156 3.27 14.56 4.51
C VAL A 156 3.71 15.93 5.06
N GLY A 157 5.00 16.22 4.96
CA GLY A 157 5.54 17.48 5.45
C GLY A 157 7.03 17.45 5.82
N THR A 158 7.56 18.57 6.31
CA THR A 158 8.96 18.64 6.70
C THR A 158 9.16 19.87 7.56
N VAL A 159 9.70 19.69 8.76
CA VAL A 159 9.94 20.80 9.66
C VAL A 159 11.44 21.01 9.89
N TYR A 160 11.97 22.15 9.45
CA TYR A 160 13.39 22.45 9.65
C TYR A 160 13.57 23.18 10.97
N SER A 161 14.66 22.91 11.67
CA SER A 161 14.88 23.59 12.94
C SER A 161 15.53 24.93 12.72
N GLY A 162 16.28 25.05 11.63
CA GLY A 162 16.96 26.30 11.34
C GLY A 162 18.15 26.48 12.27
N ARG A 163 18.39 25.48 13.09
CA ARG A 163 19.47 25.50 14.06
C ARG A 163 20.79 26.02 13.50
N SER A 164 21.23 25.48 12.36
CA SER A 164 22.48 25.96 11.79
C SER A 164 22.44 27.47 11.69
N GLY A 165 21.33 27.99 11.16
CA GLY A 165 21.19 29.43 11.00
C GLY A 165 20.97 30.25 12.26
N LYS A 166 20.80 29.60 13.42
CA LYS A 166 20.57 30.35 14.65
C LYS A 166 21.46 29.98 15.84
N TYR A 167 22.57 29.29 15.62
CA TYR A 167 23.41 28.93 16.76
C TYR A 167 24.51 29.96 17.04
N TYR A 172 18.84 30.28 19.76
CA TYR A 172 18.15 29.08 19.31
C TYR A 172 17.62 28.23 20.47
N SER A 173 16.34 27.86 20.36
CA SER A 173 15.71 27.02 21.37
C SER A 173 15.11 25.82 20.68
N GLU A 174 15.56 24.64 21.08
CA GLU A 174 15.06 23.41 20.47
C GLU A 174 13.58 23.23 20.74
N ALA A 175 13.07 23.93 21.75
CA ALA A 175 11.65 23.83 22.09
C ALA A 175 10.74 24.33 20.96
N SER A 176 11.06 25.48 20.38
CA SER A 176 10.21 26.01 19.30
C SER A 176 10.32 25.18 18.02
N TYR A 177 11.35 24.35 17.95
CA TYR A 177 11.53 23.45 16.82
C TYR A 177 10.61 22.29 17.11
N PHE A 178 10.72 21.77 18.33
CA PHE A 178 9.88 20.67 18.77
C PHE A 178 8.44 21.11 18.64
N ASP A 179 8.22 22.39 18.90
CA ASP A 179 6.90 22.97 18.83
C ASP A 179 6.38 22.95 17.40
N GLN A 180 7.25 23.29 16.46
CA GLN A 180 6.87 23.26 15.06
C GLN A 180 6.43 21.84 14.67
N ILE A 181 7.16 20.84 15.18
CA ILE A 181 6.85 19.44 14.90
C ILE A 181 5.46 19.07 15.44
N VAL A 182 5.19 19.46 16.68
CA VAL A 182 3.88 19.13 17.26
C VAL A 182 2.72 19.73 16.46
N ASN A 183 2.90 20.95 15.94
CA ASN A 183 1.84 21.59 15.15
C ASN A 183 1.56 20.77 13.90
N ALA A 184 2.64 20.41 13.19
CA ALA A 184 2.50 19.64 11.96
C ALA A 184 1.82 18.32 12.22
N LEU A 185 1.89 17.84 13.47
CA LEU A 185 1.27 16.57 13.81
C LEU A 185 -0.18 16.66 14.27
N LYS A 186 -0.62 17.87 14.62
CA LYS A 186 -1.99 18.07 15.11
C LYS A 186 -3.09 17.51 14.21
N ASN A 187 -2.94 17.68 12.90
CA ASN A 187 -3.96 17.19 11.97
C ASN A 187 -4.06 15.68 11.84
N TYR A 188 -3.10 14.95 12.39
CA TYR A 188 -3.15 13.50 12.28
C TYR A 188 -3.42 12.88 13.64
N SER A 189 -3.92 11.65 13.66
CA SER A 189 -4.23 10.99 14.91
C SER A 189 -3.91 9.50 14.94
N ASN A 190 -2.71 9.13 14.50
CA ASN A 190 -2.31 7.72 14.53
C ASN A 190 -1.22 7.57 15.57
N SER A 191 -0.98 6.34 16.00
CA SER A 191 0.10 6.11 16.95
C SER A 191 1.35 6.70 16.28
N ILE A 192 2.23 7.30 17.08
CA ILE A 192 3.44 7.92 16.56
C ILE A 192 4.70 7.05 16.73
N ILE A 193 5.53 7.02 15.70
CA ILE A 193 6.81 6.29 15.73
C ILE A 193 7.85 7.34 15.45
N ILE A 194 8.78 7.52 16.38
CA ILE A 194 9.85 8.50 16.21
C ILE A 194 11.12 7.83 15.72
N LEU A 195 11.70 8.39 14.66
CA LEU A 195 12.93 7.83 14.09
C LEU A 195 14.03 8.86 13.92
N GLY A 196 15.26 8.40 13.78
CA GLY A 196 16.34 9.33 13.54
C GLY A 196 17.71 8.88 13.96
N PRO A 197 18.74 9.69 13.66
CA PRO A 197 20.12 9.37 14.02
C PRO A 197 20.50 9.69 15.46
N GLY A 198 20.80 10.94 15.75
CA GLY A 198 21.28 11.23 17.08
C GLY A 198 20.45 11.68 18.28
N PHE A 199 19.71 10.77 18.90
CA PHE A 199 18.96 11.14 20.11
C PHE A 199 18.03 12.36 20.10
N ALA A 200 18.03 13.14 19.02
CA ALA A 200 17.10 14.27 18.95
C ALA A 200 15.72 13.64 19.12
N ARG A 201 15.58 12.41 18.61
CA ARG A 201 14.34 11.66 18.71
C ARG A 201 13.96 11.42 20.16
N ASP A 202 14.93 11.03 20.99
CA ASP A 202 14.68 10.78 22.41
C ASP A 202 14.21 12.04 23.12
N ARG A 203 14.90 13.15 22.89
CA ARG A 203 14.52 14.41 23.51
C ARG A 203 13.10 14.78 23.09
N PHE A 204 12.78 14.54 21.82
CA PHE A 204 11.47 14.88 21.34
C PHE A 204 10.38 14.00 21.94
N ALA A 205 10.69 12.72 22.11
CA ALA A 205 9.73 11.78 22.67
C ALA A 205 9.41 12.19 24.10
N ARG A 206 10.43 12.66 24.81
CA ARG A 206 10.27 13.11 26.18
C ARG A 206 9.47 14.40 26.22
N TYR A 207 9.62 15.20 25.17
CA TYR A 207 8.93 16.47 25.05
C TYR A 207 7.45 16.25 24.77
N CYS A 208 7.15 15.16 24.08
CA CYS A 208 5.78 14.82 23.74
C CYS A 208 5.03 14.24 24.94
N ALA A 209 5.77 13.58 25.82
CA ALA A 209 5.18 12.98 27.01
C ALA A 209 4.62 14.07 27.93
N GLN A 210 5.30 15.22 27.95
CA GLN A 210 4.89 16.33 28.77
C GLN A 210 3.62 16.99 28.22
N ARG A 211 3.38 16.84 26.92
CA ARG A 211 2.18 17.41 26.27
C ARG A 211 1.06 16.38 26.17
N GLY A 212 1.17 15.28 26.92
CA GLY A 212 0.15 14.24 26.88
C GLY A 212 0.44 13.23 25.79
N VAL A 213 0.60 13.73 24.56
CA VAL A 213 0.89 12.92 23.36
C VAL A 213 1.88 11.79 23.64
N ASN A 214 1.40 10.55 23.66
CA ASN A 214 2.27 9.40 23.93
C ASN A 214 2.63 8.65 22.65
N VAL A 215 3.84 8.09 22.62
CA VAL A 215 4.34 7.41 21.44
C VAL A 215 4.81 5.96 21.60
N ILE A 216 4.74 5.20 20.51
CA ILE A 216 5.20 3.81 20.47
C ILE A 216 6.70 4.00 20.32
N GLY A 217 6.98 5.02 19.52
CA GLY A 217 8.28 5.48 19.09
C GLY A 217 9.68 5.39 19.68
N SER A 218 10.50 6.21 19.04
CA SER A 218 11.92 6.39 19.30
C SER A 218 12.79 5.18 19.06
N PHE A 219 13.26 5.10 17.82
CA PHE A 219 14.13 4.04 17.37
C PHE A 219 15.18 4.69 16.49
N PRO A 220 16.42 4.20 16.55
CA PRO A 220 17.52 4.75 15.75
C PRO A 220 17.31 4.50 14.27
N ALA A 221 17.92 5.34 13.45
CA ALA A 221 17.82 5.22 12.01
C ALA A 221 18.97 6.00 11.40
N ASN A 222 19.59 5.44 10.38
CA ASN A 222 20.73 6.06 9.72
C ASN A 222 20.57 7.48 9.25
N ARG A 223 19.58 7.69 8.39
CA ARG A 223 19.31 9.00 7.85
C ARG A 223 17.94 9.46 8.31
N THR A 224 17.41 10.47 7.66
CA THR A 224 16.12 11.01 8.07
C THR A 224 15.08 11.00 6.93
N ASP A 225 15.37 10.24 5.88
CA ASP A 225 14.51 10.10 4.71
C ASP A 225 13.57 8.88 4.76
N SER A 226 12.88 8.64 3.64
CA SER A 226 11.95 7.52 3.54
C SER A 226 12.69 6.24 3.82
N GLY A 227 13.92 6.17 3.33
CA GLY A 227 14.72 4.99 3.53
C GLY A 227 14.69 4.54 4.97
N ALA A 228 14.67 5.51 5.86
CA ALA A 228 14.65 5.23 7.30
C ALA A 228 13.37 4.49 7.66
N VAL A 229 12.25 4.93 7.10
CA VAL A 229 10.99 4.28 7.41
C VAL A 229 10.99 2.82 6.96
N TYR A 230 11.40 2.57 5.72
CA TYR A 230 11.45 1.19 5.23
C TYR A 230 12.35 0.32 6.07
N GLU A 231 13.49 0.87 6.46
CA GLU A 231 14.44 0.12 7.28
C GLU A 231 13.84 -0.17 8.64
N PHE A 232 13.01 0.73 9.14
CA PHE A 232 12.37 0.50 10.43
C PHE A 232 11.41 -0.64 10.21
N ILE A 233 10.68 -0.58 9.10
CA ILE A 233 9.71 -1.63 8.79
C ILE A 233 10.42 -2.96 8.88
N THR A 234 11.62 -3.00 8.33
CA THR A 234 12.45 -4.19 8.30
C THR A 234 13.12 -4.61 9.62
N SER A 235 13.18 -3.71 10.60
CA SER A 235 13.82 -4.06 11.87
C SER A 235 12.92 -4.90 12.78
N ALA A 236 13.53 -5.45 13.82
CA ALA A 236 12.82 -6.27 14.79
C ALA A 236 11.60 -5.56 15.36
N ASP A 237 11.79 -4.31 15.75
CA ASP A 237 10.70 -3.54 16.31
C ASP A 237 9.65 -3.27 15.24
N GLY A 238 10.10 -2.97 14.03
CA GLY A 238 9.18 -2.72 12.95
C GLY A 238 8.33 -3.96 12.69
N ALA A 239 8.97 -5.12 12.66
CA ALA A 239 8.28 -6.38 12.45
C ALA A 239 7.20 -6.63 13.50
N LYS A 240 7.57 -6.56 14.78
CA LYS A 240 6.60 -6.78 15.85
C LYS A 240 5.38 -5.92 15.64
N LEU A 241 5.59 -4.76 15.02
CA LEU A 241 4.52 -3.82 14.80
C LEU A 241 3.66 -3.95 13.55
N LEU A 242 4.27 -4.27 12.41
CA LEU A 242 3.51 -4.36 11.17
C LEU A 242 4.07 -5.32 10.13
N SER A 243 4.53 -6.48 10.57
CA SER A 243 5.10 -7.46 9.67
C SER A 243 4.07 -8.13 8.77
N ASN A 244 2.79 -7.90 9.03
CA ASN A 244 1.75 -8.53 8.24
C ASN A 244 1.14 -7.62 7.20
N GLU A 245 1.36 -6.32 7.37
CA GLU A 245 0.83 -5.36 6.43
C GLU A 245 1.53 -5.53 5.07
N ARG A 246 0.80 -5.24 4.01
CA ARG A 246 1.33 -5.37 2.66
C ARG A 246 2.73 -4.77 2.52
N ILE A 247 2.83 -3.48 2.82
CA ILE A 247 4.08 -2.74 2.73
C ILE A 247 5.24 -3.57 3.28
N ALA A 248 5.09 -4.12 4.47
CA ALA A 248 6.14 -4.93 5.07
C ALA A 248 6.38 -6.21 4.31
N ARG A 249 5.31 -6.77 3.73
CA ARG A 249 5.43 -8.00 2.96
C ARG A 249 6.12 -7.76 1.62
N ASP A 250 5.71 -6.71 0.91
CA ASP A 250 6.34 -6.42 -0.36
C ASP A 250 7.82 -6.15 -0.13
N LYS A 251 8.16 -5.51 0.98
CA LYS A 251 9.55 -5.21 1.30
C LYS A 251 10.32 -6.50 1.47
N GLU A 252 9.78 -7.38 2.30
CA GLU A 252 10.40 -8.65 2.61
C GLU A 252 10.76 -9.48 1.39
N ILE A 253 9.82 -9.62 0.45
CA ILE A 253 10.09 -10.46 -0.71
C ILE A 253 11.04 -9.81 -1.70
N VAL A 254 10.84 -8.53 -1.97
CA VAL A 254 11.70 -7.85 -2.93
C VAL A 254 13.13 -7.82 -2.44
N ASP A 255 13.32 -7.81 -1.13
CA ASP A 255 14.65 -7.83 -0.56
C ASP A 255 15.24 -9.22 -0.85
N GLU A 256 14.45 -10.26 -0.62
CA GLU A 256 14.92 -11.60 -0.91
C GLU A 256 15.38 -11.66 -2.35
N PHE A 257 14.58 -11.08 -3.24
CA PHE A 257 14.92 -11.08 -4.65
C PHE A 257 16.24 -10.34 -4.90
N LEU A 258 16.38 -9.16 -4.31
CA LEU A 258 17.60 -8.38 -4.47
C LEU A 258 18.81 -9.19 -4.02
N VAL A 259 18.69 -9.86 -2.88
CA VAL A 259 19.77 -10.70 -2.40
C VAL A 259 19.97 -11.84 -3.38
N ALA A 260 18.86 -12.32 -3.94
CA ALA A 260 18.91 -13.42 -4.89
C ALA A 260 19.76 -13.06 -6.09
N VAL A 261 19.41 -11.94 -6.74
CA VAL A 261 20.12 -11.48 -7.92
C VAL A 261 21.59 -11.26 -7.63
N LYS A 262 21.92 -10.78 -6.44
CA LYS A 262 23.32 -10.55 -6.14
C LYS A 262 24.06 -11.87 -6.12
N LYS A 263 23.41 -12.87 -5.54
CA LYS A 263 23.98 -14.21 -5.40
C LYS A 263 23.76 -15.09 -6.64
N ASP A 264 23.48 -14.45 -7.77
CA ASP A 264 23.27 -15.16 -9.03
C ASP A 264 22.20 -16.24 -9.07
N MET A 265 21.11 -16.00 -8.36
CA MET A 265 20.00 -16.95 -8.28
C MET A 265 18.68 -16.24 -8.58
N GLY A 266 18.76 -15.10 -9.28
CA GLY A 266 17.57 -14.33 -9.55
C GLY A 266 17.29 -14.22 -11.02
N VAL A 267 16.07 -13.86 -11.37
CA VAL A 267 15.67 -13.73 -12.76
C VAL A 267 14.74 -12.52 -12.86
N TYR A 268 14.90 -11.74 -13.92
CA TYR A 268 14.07 -10.56 -14.11
C TYR A 268 13.66 -10.39 -15.57
N GLY A 269 12.61 -9.60 -15.79
CA GLY A 269 12.11 -9.38 -17.13
C GLY A 269 11.03 -10.38 -17.49
N ARG A 270 10.03 -9.95 -18.25
CA ARG A 270 8.92 -10.82 -18.64
C ARG A 270 9.38 -12.13 -19.27
N ASP A 271 10.09 -12.04 -20.38
CA ASP A 271 10.56 -13.23 -21.08
C ASP A 271 11.33 -14.21 -20.21
N GLN A 272 12.51 -13.78 -19.75
CA GLN A 272 13.38 -14.58 -18.91
C GLN A 272 12.63 -15.24 -17.75
N THR A 273 11.80 -14.46 -17.06
CA THR A 273 11.03 -14.96 -15.92
C THR A 273 9.98 -15.99 -16.33
N GLU A 274 9.12 -15.62 -17.28
CA GLU A 274 8.09 -16.53 -17.77
C GLU A 274 8.79 -17.82 -18.15
N SER A 275 9.91 -17.65 -18.85
CA SER A 275 10.71 -18.75 -19.30
C SER A 275 11.06 -19.73 -18.17
N ALA A 276 11.71 -19.21 -17.13
CA ALA A 276 12.11 -20.01 -15.99
C ALA A 276 10.90 -20.55 -15.23
N LEU A 277 9.80 -19.83 -15.33
CA LEU A 277 8.59 -20.27 -14.66
C LEU A 277 8.17 -21.56 -15.34
N GLN A 278 7.89 -21.46 -16.64
CA GLN A 278 7.45 -22.61 -17.45
C GLN A 278 8.19 -23.91 -17.16
N MET A 279 9.51 -23.80 -16.92
CA MET A 279 10.30 -25.00 -16.65
C MET A 279 10.45 -25.34 -15.18
N GLY A 280 9.46 -24.94 -14.40
CA GLY A 280 9.50 -25.16 -12.97
C GLY A 280 10.86 -24.96 -12.34
N ALA A 281 11.58 -23.95 -12.82
CA ALA A 281 12.91 -23.68 -12.32
C ALA A 281 12.95 -22.59 -11.27
N LEU A 282 11.80 -22.00 -10.95
CA LEU A 282 11.82 -20.95 -9.95
C LEU A 282 10.87 -21.20 -8.78
N SER A 283 11.35 -20.89 -7.58
CA SER A 283 10.60 -21.09 -6.35
C SER A 283 9.67 -19.94 -5.98
N ASP A 284 9.95 -18.76 -6.52
CA ASP A 284 9.14 -17.59 -6.22
C ASP A 284 8.94 -16.72 -7.45
N LEU A 285 7.68 -16.40 -7.73
CA LEU A 285 7.34 -15.56 -8.86
C LEU A 285 6.90 -14.21 -8.33
N ILE A 286 7.65 -13.16 -8.63
CA ILE A 286 7.28 -11.82 -8.19
C ILE A 286 6.87 -10.96 -9.38
N ILE A 287 5.62 -10.52 -9.40
CA ILE A 287 5.16 -9.65 -10.45
C ILE A 287 4.52 -8.43 -9.79
N THR A 288 4.30 -7.39 -10.57
CA THR A 288 3.77 -6.18 -10.01
C THR A 288 2.28 -6.02 -10.06
N ASP A 289 1.86 -5.06 -9.25
CA ASP A 289 0.51 -4.58 -9.07
C ASP A 289 -0.06 -4.43 -10.48
N GLU A 290 0.67 -3.67 -11.29
CA GLU A 290 0.32 -3.38 -12.67
C GLU A 290 0.24 -4.60 -13.55
N MET A 291 1.30 -5.41 -13.62
CA MET A 291 1.27 -6.59 -14.49
C MET A 291 0.23 -7.62 -14.11
N PHE A 292 -0.26 -7.57 -12.87
CA PHE A 292 -1.32 -8.50 -12.47
C PHE A 292 -2.64 -8.16 -13.16
N ARG A 293 -2.81 -6.89 -13.52
CA ARG A 293 -4.01 -6.45 -14.22
C ARG A 293 -3.81 -6.80 -15.70
N THR A 294 -2.69 -7.43 -15.97
CA THR A 294 -2.31 -7.85 -17.32
C THR A 294 -2.61 -9.31 -17.58
N GLU A 295 -2.93 -9.64 -18.82
CA GLU A 295 -3.24 -11.01 -19.18
C GLU A 295 -2.09 -11.96 -18.94
N ASP A 296 -0.86 -11.55 -19.29
CA ASP A 296 0.28 -12.43 -19.06
C ASP A 296 0.36 -12.58 -17.55
N GLY A 297 0.09 -11.48 -16.85
CA GLY A 297 0.12 -11.51 -15.41
C GLY A 297 -0.71 -12.65 -14.88
N ARG A 298 -2.01 -12.60 -15.15
CA ARG A 298 -2.92 -13.64 -14.68
C ARG A 298 -2.52 -15.02 -15.21
N ARG A 299 -2.02 -15.03 -16.44
CA ARG A 299 -1.62 -16.28 -17.06
C ARG A 299 -0.51 -16.95 -16.25
N SER A 300 0.54 -16.20 -15.98
CA SER A 300 1.68 -16.73 -15.23
C SER A 300 1.34 -17.12 -13.79
N LEU A 301 0.37 -16.46 -13.18
CA LEU A 301 0.00 -16.82 -11.82
C LEU A 301 -0.51 -18.27 -11.77
N SER A 302 -1.36 -18.65 -12.72
CA SER A 302 -1.89 -20.00 -12.75
C SER A 302 -0.76 -20.99 -13.07
N ILE A 303 0.05 -20.67 -14.08
CA ILE A 303 1.17 -21.52 -14.44
C ILE A 303 1.95 -21.80 -13.16
N ALA A 304 2.17 -20.72 -12.40
CA ALA A 304 2.88 -20.78 -11.14
C ALA A 304 2.25 -21.79 -10.18
N GLN A 305 0.93 -21.83 -10.14
CA GLN A 305 0.26 -22.77 -9.25
C GLN A 305 0.50 -24.18 -9.75
N THR A 306 0.43 -24.36 -11.06
CA THR A 306 0.65 -25.67 -11.65
C THR A 306 2.05 -26.15 -11.26
N VAL A 307 3.04 -25.35 -11.64
CA VAL A 307 4.45 -25.64 -11.40
C VAL A 307 4.88 -25.76 -9.93
N GLY A 308 4.08 -25.25 -9.01
CA GLY A 308 4.41 -25.35 -7.60
C GLY A 308 5.26 -24.19 -7.10
N THR A 309 5.11 -23.04 -7.76
CA THR A 309 5.87 -21.83 -7.43
C THR A 309 5.08 -20.80 -6.59
N ARG A 310 5.69 -20.32 -5.51
CA ARG A 310 5.03 -19.32 -4.67
C ARG A 310 4.80 -18.05 -5.49
N ILE A 311 3.68 -17.39 -5.20
CA ILE A 311 3.25 -16.18 -5.88
C ILE A 311 3.39 -14.95 -4.99
N HIS A 312 3.71 -13.81 -5.60
CA HIS A 312 3.88 -12.56 -4.85
C HIS A 312 3.48 -11.37 -5.72
N ILE A 313 2.45 -10.65 -5.33
CA ILE A 313 2.04 -9.49 -6.11
C ILE A 313 2.51 -8.25 -5.37
N VAL A 314 3.57 -7.66 -5.88
CA VAL A 314 4.13 -6.46 -5.27
C VAL A 314 3.47 -5.20 -5.85
N SER A 315 3.13 -4.25 -4.99
CA SER A 315 2.45 -3.03 -5.42
C SER A 315 3.36 -1.84 -5.76
N VAL A 316 3.11 -1.21 -6.90
CA VAL A 316 3.92 -0.09 -7.32
C VAL A 316 3.65 1.13 -6.44
N SER A 317 2.79 0.96 -5.45
CA SER A 317 2.50 2.06 -4.53
C SER A 317 3.58 2.22 -3.45
N ASN A 318 4.54 1.29 -3.40
CA ASN A 318 5.64 1.39 -2.46
C ASN A 318 6.95 1.16 -3.22
N ASP A 319 8.07 1.57 -2.64
CA ASP A 319 9.36 1.44 -3.31
C ASP A 319 9.77 0.00 -3.63
N PRO A 320 9.39 -0.97 -2.81
CA PRO A 320 9.80 -2.32 -3.19
C PRO A 320 9.14 -2.60 -4.55
N GLY A 321 7.87 -2.21 -4.70
CA GLY A 321 7.19 -2.40 -5.97
C GLY A 321 7.86 -1.68 -7.12
N GLN A 322 8.32 -0.47 -6.85
CA GLN A 322 8.99 0.32 -7.87
C GLN A 322 10.19 -0.43 -8.45
N ILE A 323 10.90 -1.16 -7.59
CA ILE A 323 12.06 -1.91 -8.04
C ILE A 323 11.64 -2.95 -9.07
N VAL A 324 10.68 -3.78 -8.69
CA VAL A 324 10.21 -4.82 -9.59
C VAL A 324 9.63 -4.17 -10.85
N LYS A 325 9.01 -3.00 -10.71
CA LYS A 325 8.48 -2.35 -11.90
C LYS A 325 9.63 -2.09 -12.89
N LYS A 326 10.70 -1.47 -12.41
CA LYS A 326 11.86 -1.16 -13.24
C LYS A 326 12.46 -2.40 -13.90
N PHE A 327 12.43 -3.52 -13.20
CA PHE A 327 12.96 -4.76 -13.75
C PHE A 327 12.03 -5.36 -14.80
N GLY A 328 10.92 -4.66 -15.08
CA GLY A 328 9.97 -5.16 -16.05
C GLY A 328 8.62 -5.53 -15.48
N GLY A 329 8.57 -5.78 -14.18
CA GLY A 329 7.31 -6.16 -13.56
C GLY A 329 7.28 -7.64 -13.27
N PHE A 330 8.30 -8.35 -13.73
CA PHE A 330 8.41 -9.78 -13.51
C PHE A 330 9.77 -10.05 -12.91
N ALA A 331 9.81 -10.89 -11.89
CA ALA A 331 11.06 -11.26 -11.26
C ALA A 331 10.86 -12.63 -10.62
N GLY A 332 11.95 -13.38 -10.49
CA GLY A 332 11.85 -14.69 -9.90
C GLY A 332 13.10 -15.08 -9.16
N ILE A 333 12.94 -16.01 -8.22
CA ILE A 333 14.03 -16.53 -7.45
C ILE A 333 14.17 -17.98 -7.89
N LEU A 334 15.38 -18.37 -8.30
CA LEU A 334 15.64 -19.71 -8.80
C LEU A 334 15.66 -20.88 -7.83
N ARG A 335 15.49 -22.08 -8.41
CA ARG A 335 15.50 -23.33 -7.69
C ARG A 335 15.97 -24.41 -8.66
N TYR A 336 16.33 -25.58 -8.14
CA TYR A 336 16.75 -26.65 -9.03
C TYR A 336 15.50 -27.06 -9.77
N ARG A 337 15.56 -26.96 -11.10
CA ARG A 337 14.42 -27.32 -11.94
C ARG A 337 13.61 -28.45 -11.30
N VAL A 338 12.35 -28.14 -11.09
CA VAL A 338 11.38 -29.05 -10.54
C VAL A 338 10.82 -29.77 -11.75
#